data_5EJR
#
_entry.id   5EJR
#
_cell.length_a   40.020
_cell.length_b   58.950
_cell.length_c   64.360
_cell.angle_alpha   90.070
_cell.angle_beta   96.780
_cell.angle_gamma   108.480
#
_symmetry.space_group_name_H-M   'P 1'
#
loop_
_entity.id
_entity.type
_entity.pdbx_description
1 polymer 'Myosin-I heavy chain'
2 non-polymer 1,2-ETHANEDIOL
3 water water
#
_entity_poly.entity_id   1
_entity_poly.type   'polypeptide(L)'
_entity_poly.pdbx_seq_one_letter_code
;GTDSQLAQWASTRFRSFKRASTLNQQQATLKRKAPVDPNTAFYFNKDPIKESLIEMEAKLSKKAIKNFSEIMMWMGDYPI
PKGQTASLVIQSIISRGIENHELRDEIYCQAYRQTNKNPKVESAKKGFELIYFLSITFSPSDSLLQPFMEQLMSRNIAIQ
SSSPQLASLIAVCIEKLESHPIPSYQQRKMGPSATEIQSFRSNLENGDISTCKIRFIDQSTKLAKINTYTTIREITDTVC
RQYGISQQSIKMFGISAVNETAGISKVVSETDMIYDVLARWEQSEEKGEFYFQVRRRFFLDDVNKILDQEHLWTDDDICF
ELTYCQIRDEWMKGLYTNVNEKDSSIIAAILIQLLYPNQSKLVLTKEVVRQVLPDQILNSQNIKVWISMIESQIFELVSQ
TPEYLKLMFINLIGSKSPLFGCTLFNIQQKENPPKAWLAINKKGVSIFDPHTKESKNFWTFQSISNVAFTDDTFCIMTGN
LMKPIKQTFTTDEHSSIASVYQFYSSQ
;
_entity_poly.pdbx_strand_id   A
#
loop_
_chem_comp.id
_chem_comp.type
_chem_comp.name
_chem_comp.formula
EDO non-polymer 1,2-ETHANEDIOL 'C2 H6 O2'
#
# COMPACT_ATOMS: atom_id res chain seq x y z
N GLY A 1 -21.85 -29.22 -33.62
CA GLY A 1 -23.03 -30.02 -33.33
C GLY A 1 -23.50 -29.89 -31.90
N THR A 2 -22.75 -30.51 -30.96
CA THR A 2 -23.05 -30.47 -29.52
C THR A 2 -22.70 -29.12 -28.92
N ASP A 3 -23.44 -28.71 -27.86
CA ASP A 3 -23.22 -27.44 -27.16
C ASP A 3 -21.87 -27.46 -26.42
N SER A 4 -21.24 -26.26 -26.29
CA SER A 4 -19.96 -26.09 -25.61
C SER A 4 -20.06 -26.44 -24.12
N GLN A 5 -18.91 -26.61 -23.43
CA GLN A 5 -18.86 -26.91 -22.00
C GLN A 5 -19.52 -25.78 -21.20
N LEU A 6 -19.31 -24.50 -21.62
CA LEU A 6 -19.92 -23.34 -20.97
C LEU A 6 -21.45 -23.34 -21.11
N ALA A 7 -21.96 -23.61 -22.33
CA ALA A 7 -23.39 -23.68 -22.62
C ALA A 7 -24.06 -24.80 -21.82
N GLN A 8 -23.37 -25.96 -21.68
CA GLN A 8 -23.85 -27.12 -20.91
C GLN A 8 -23.98 -26.75 -19.42
N TRP A 9 -23.02 -25.95 -18.90
CA TRP A 9 -23.00 -25.45 -17.53
C TRP A 9 -24.16 -24.45 -17.34
N ALA A 10 -24.34 -23.55 -18.31
CA ALA A 10 -25.39 -22.53 -18.28
C ALA A 10 -26.80 -23.09 -18.48
N SER A 11 -26.93 -24.29 -19.12
CA SER A 11 -28.21 -24.95 -19.41
C SER A 11 -29.12 -25.11 -18.18
N THR A 12 -28.52 -25.44 -17.01
CA THR A 12 -29.23 -25.68 -15.74
C THR A 12 -29.05 -24.53 -14.72
N ARG A 13 -28.57 -23.34 -15.16
CA ARG A 13 -28.30 -22.21 -14.27
C ARG A 13 -28.73 -20.85 -14.79
N PHE A 14 -28.60 -20.60 -16.10
CA PHE A 14 -28.99 -19.32 -16.69
C PHE A 14 -30.51 -19.21 -16.72
N ARG A 15 -31.03 -17.98 -16.56
CA ARG A 15 -32.45 -17.69 -16.60
C ARG A 15 -33.05 -18.09 -17.96
N SER A 16 -32.39 -17.63 -19.07
CA SER A 16 -32.78 -17.87 -20.47
C SER A 16 -32.92 -19.34 -20.84
N PHE A 17 -32.04 -20.21 -20.29
CA PHE A 17 -32.08 -21.65 -20.51
C PHE A 17 -33.14 -22.35 -19.66
N LYS A 18 -33.39 -21.83 -18.45
CA LYS A 18 -34.37 -22.36 -17.51
C LYS A 18 -35.82 -22.07 -17.96
N ARG A 19 -36.11 -20.80 -18.37
CA ARG A 19 -37.41 -20.33 -18.85
C ARG A 19 -37.84 -21.08 -20.12
N ALA A 20 -36.88 -21.37 -21.03
CA ALA A 20 -37.10 -22.11 -22.26
C ALA A 20 -37.41 -23.58 -21.98
N SER A 21 -36.88 -24.13 -20.86
CA SER A 21 -37.12 -25.50 -20.42
C SER A 21 -38.50 -25.62 -19.77
N THR A 22 -38.92 -24.58 -19.00
CA THR A 22 -40.25 -24.54 -18.36
C THR A 22 -41.35 -24.24 -19.38
N LEU A 23 -40.94 -23.90 -20.62
CA LEU A 23 -41.82 -23.67 -21.76
C LEU A 23 -41.91 -24.97 -22.59
N ASN A 24 -40.86 -25.82 -22.47
CA ASN A 24 -40.74 -27.12 -23.14
C ASN A 24 -41.40 -28.22 -22.31
N GLN A 25 -41.33 -28.13 -20.96
CA GLN A 25 -41.91 -29.08 -20.02
C GLN A 25 -43.45 -28.95 -20.02
N GLN A 26 -43.95 -27.72 -19.82
CA GLN A 26 -45.38 -27.39 -19.84
C GLN A 26 -45.66 -26.63 -21.14
N GLN A 27 -45.58 -27.36 -22.27
CA GLN A 27 -45.76 -26.85 -23.63
C GLN A 27 -47.23 -26.65 -24.06
N ALA A 28 -48.19 -27.01 -23.18
CA ALA A 28 -49.64 -26.89 -23.38
C ALA A 28 -50.10 -25.46 -23.71
N THR A 29 -49.40 -24.45 -23.16
CA THR A 29 -49.68 -23.03 -23.35
C THR A 29 -49.32 -22.57 -24.76
N LEU A 30 -50.17 -21.72 -25.35
CA LEU A 30 -49.95 -21.16 -26.69
C LEU A 30 -48.85 -20.09 -26.70
N LYS A 31 -47.92 -20.18 -27.67
CA LYS A 31 -46.81 -19.24 -27.82
C LYS A 31 -47.18 -18.06 -28.72
N ARG A 32 -46.65 -16.88 -28.42
CA ARG A 32 -46.91 -15.65 -29.18
C ARG A 32 -46.05 -15.57 -30.45
N LYS A 33 -44.73 -15.75 -30.28
CA LYS A 33 -43.72 -15.69 -31.33
C LYS A 33 -42.79 -16.87 -31.16
N ALA A 34 -41.80 -17.00 -32.06
CA ALA A 34 -40.80 -18.06 -31.99
C ALA A 34 -39.92 -17.88 -30.73
N PRO A 35 -39.42 -18.97 -30.08
CA PRO A 35 -38.56 -18.77 -28.90
C PRO A 35 -37.28 -18.04 -29.29
N VAL A 36 -37.00 -16.93 -28.59
CA VAL A 36 -35.91 -15.97 -28.83
C VAL A 36 -34.47 -16.59 -28.85
N ASP A 37 -34.31 -17.88 -28.43
CA ASP A 37 -33.04 -18.63 -28.36
C ASP A 37 -32.25 -18.33 -27.05
N PRO A 38 -32.09 -19.35 -26.16
CA PRO A 38 -31.41 -19.10 -24.87
C PRO A 38 -29.94 -18.69 -24.95
N ASN A 39 -29.25 -19.06 -26.05
CA ASN A 39 -27.85 -18.74 -26.29
C ASN A 39 -27.59 -17.24 -26.48
N THR A 40 -28.63 -16.42 -26.81
CA THR A 40 -28.52 -14.96 -26.99
C THR A 40 -28.08 -14.22 -25.71
N ALA A 41 -28.14 -14.91 -24.55
CA ALA A 41 -27.74 -14.38 -23.25
C ALA A 41 -26.21 -14.28 -23.19
N PHE A 42 -25.50 -15.08 -24.01
CA PHE A 42 -24.03 -15.09 -24.11
C PHE A 42 -23.50 -14.00 -25.05
N TYR A 43 -24.39 -13.25 -25.71
CA TYR A 43 -23.98 -12.26 -26.69
C TYR A 43 -24.11 -10.82 -26.20
N PHE A 44 -23.18 -9.96 -26.67
CA PHE A 44 -23.14 -8.53 -26.37
C PHE A 44 -24.45 -7.83 -26.74
N ASN A 45 -24.85 -6.85 -25.92
CA ASN A 45 -25.99 -5.99 -26.14
C ASN A 45 -25.68 -4.63 -25.57
N LYS A 46 -26.05 -3.58 -26.30
CA LYS A 46 -25.80 -2.18 -25.95
C LYS A 46 -26.64 -1.68 -24.75
N ASP A 47 -27.73 -2.40 -24.42
CA ASP A 47 -28.65 -2.04 -23.34
C ASP A 47 -28.31 -2.72 -22.01
N PRO A 48 -28.49 -2.00 -20.87
CA PRO A 48 -28.21 -2.63 -19.56
C PRO A 48 -29.25 -3.69 -19.22
N ILE A 49 -28.80 -4.89 -18.78
CA ILE A 49 -29.66 -6.01 -18.40
C ILE A 49 -30.61 -5.63 -17.23
N LYS A 50 -31.87 -6.07 -17.33
CA LYS A 50 -32.97 -5.79 -16.40
C LYS A 50 -33.04 -6.76 -15.20
N GLU A 51 -32.30 -7.87 -15.30
CA GLU A 51 -32.20 -8.95 -14.31
C GLU A 51 -30.86 -9.67 -14.50
N SER A 52 -30.37 -10.39 -13.47
CA SER A 52 -29.11 -11.14 -13.55
C SER A 52 -29.17 -12.23 -14.61
N LEU A 53 -28.00 -12.65 -15.16
CA LEU A 53 -27.89 -13.71 -16.16
C LEU A 53 -28.18 -15.07 -15.54
N ILE A 54 -27.67 -15.30 -14.32
CA ILE A 54 -27.87 -16.56 -13.61
C ILE A 54 -29.12 -16.42 -12.72
N GLU A 55 -29.93 -17.49 -12.64
CA GLU A 55 -31.10 -17.48 -11.77
C GLU A 55 -30.58 -17.61 -10.35
N MET A 56 -30.87 -16.58 -9.55
CA MET A 56 -30.49 -16.50 -8.14
C MET A 56 -31.47 -15.60 -7.40
N GLU A 57 -31.31 -15.50 -6.05
CA GLU A 57 -32.11 -14.68 -5.13
C GLU A 57 -32.15 -13.23 -5.61
N ALA A 58 -33.29 -12.53 -5.38
CA ALA A 58 -33.52 -11.16 -5.81
C ALA A 58 -32.61 -10.10 -5.18
N LYS A 59 -32.03 -10.41 -4.00
CA LYS A 59 -31.08 -9.54 -3.30
C LYS A 59 -29.77 -9.49 -4.14
N LEU A 60 -29.31 -10.67 -4.59
CA LEU A 60 -28.11 -10.87 -5.41
C LEU A 60 -28.28 -10.34 -6.83
N SER A 61 -29.50 -10.51 -7.41
CA SER A 61 -29.83 -10.06 -8.76
C SER A 61 -29.79 -8.53 -8.86
N LYS A 62 -30.21 -7.82 -7.79
CA LYS A 62 -30.21 -6.36 -7.74
C LYS A 62 -28.78 -5.82 -7.83
N LYS A 63 -27.82 -6.47 -7.13
CA LYS A 63 -26.41 -6.11 -7.12
C LYS A 63 -25.77 -6.45 -8.49
N ALA A 64 -26.25 -7.54 -9.13
CA ALA A 64 -25.78 -8.01 -10.44
C ALA A 64 -26.15 -7.00 -11.53
N ILE A 65 -27.33 -6.33 -11.38
CA ILE A 65 -27.81 -5.29 -12.30
C ILE A 65 -26.89 -4.08 -12.23
N LYS A 66 -26.60 -3.58 -11.00
CA LYS A 66 -25.69 -2.43 -10.81
C LYS A 66 -24.29 -2.78 -11.36
N ASN A 67 -23.83 -4.03 -11.12
CA ASN A 67 -22.53 -4.53 -11.57
C ASN A 67 -22.43 -4.51 -13.10
N PHE A 68 -23.52 -4.92 -13.79
CA PHE A 68 -23.55 -4.93 -15.25
C PHE A 68 -23.31 -3.57 -15.83
N SER A 69 -24.02 -2.55 -15.32
CA SER A 69 -23.84 -1.16 -15.77
C SER A 69 -22.40 -0.67 -15.52
N GLU A 70 -21.73 -1.18 -14.45
CA GLU A 70 -20.35 -0.83 -14.13
C GLU A 70 -19.37 -1.47 -15.14
N ILE A 71 -19.63 -2.74 -15.52
CA ILE A 71 -18.86 -3.45 -16.55
C ILE A 71 -18.94 -2.63 -17.86
N MET A 72 -20.17 -2.19 -18.21
CA MET A 72 -20.45 -1.34 -19.37
C MET A 72 -19.69 -0.02 -19.33
N MET A 73 -19.54 0.57 -18.13
CA MET A 73 -18.78 1.80 -17.90
C MET A 73 -17.30 1.55 -18.12
N TRP A 74 -16.80 0.39 -17.66
CA TRP A 74 -15.38 0.03 -17.80
C TRP A 74 -15.03 -0.17 -19.28
N MET A 75 -15.92 -0.89 -20.00
CA MET A 75 -15.81 -1.20 -21.42
C MET A 75 -16.09 -0.02 -22.35
N GLY A 76 -16.60 1.08 -21.80
CA GLY A 76 -16.90 2.30 -22.55
C GLY A 76 -18.19 2.24 -23.35
N ASP A 77 -19.17 1.44 -22.90
CA ASP A 77 -20.48 1.27 -23.52
C ASP A 77 -21.61 1.96 -22.74
N TYR A 78 -21.26 2.56 -21.58
CA TYR A 78 -22.15 3.29 -20.67
C TYR A 78 -21.33 4.45 -20.11
N PRO A 79 -21.88 5.67 -20.01
CA PRO A 79 -21.06 6.80 -19.52
C PRO A 79 -20.71 6.74 -18.03
N ILE A 80 -19.59 7.37 -17.66
CA ILE A 80 -19.11 7.42 -16.28
C ILE A 80 -19.49 8.79 -15.66
N PRO A 81 -20.21 8.84 -14.51
CA PRO A 81 -20.60 10.14 -13.91
C PRO A 81 -19.44 11.02 -13.42
N LYS A 82 -19.72 12.33 -13.28
CA LYS A 82 -18.83 13.43 -12.90
C LYS A 82 -17.66 13.06 -11.91
N GLY A 83 -18.00 12.43 -10.79
CA GLY A 83 -17.01 12.08 -9.78
C GLY A 83 -16.49 10.66 -9.83
N GLN A 84 -16.28 10.10 -11.04
CA GLN A 84 -15.80 8.73 -11.21
C GLN A 84 -14.78 8.58 -12.36
N THR A 85 -14.01 7.48 -12.33
CA THR A 85 -13.02 7.14 -13.34
C THR A 85 -13.03 5.64 -13.61
N ALA A 86 -12.41 5.20 -14.73
CA ALA A 86 -12.33 3.79 -15.11
C ALA A 86 -11.69 2.90 -14.02
N SER A 87 -10.60 3.39 -13.35
CA SER A 87 -9.95 2.61 -12.28
C SER A 87 -10.88 2.41 -11.09
N LEU A 88 -11.59 3.48 -10.72
CA LEU A 88 -12.59 3.53 -9.65
C LEU A 88 -13.76 2.59 -9.96
N VAL A 89 -14.14 2.50 -11.27
CA VAL A 89 -15.24 1.63 -11.72
C VAL A 89 -14.87 0.15 -11.58
N ILE A 90 -13.70 -0.26 -12.09
CA ILE A 90 -13.24 -1.64 -11.97
C ILE A 90 -12.94 -2.01 -10.49
N GLN A 91 -12.45 -1.06 -9.66
CA GLN A 91 -12.24 -1.32 -8.22
C GLN A 91 -13.57 -1.71 -7.54
N SER A 92 -14.68 -1.02 -7.91
CA SER A 92 -16.05 -1.30 -7.44
C SER A 92 -16.47 -2.72 -7.79
N ILE A 93 -16.24 -3.14 -9.08
CA ILE A 93 -16.58 -4.46 -9.61
C ILE A 93 -15.84 -5.55 -8.87
N ILE A 94 -14.52 -5.37 -8.68
CA ILE A 94 -13.73 -6.40 -8.00
C ILE A 94 -14.09 -6.43 -6.51
N SER A 95 -14.38 -5.27 -5.91
CA SER A 95 -14.80 -5.19 -4.50
C SER A 95 -16.10 -5.98 -4.33
N ARG A 96 -17.08 -5.76 -5.26
CA ARG A 96 -18.35 -6.50 -5.24
C ARG A 96 -18.10 -8.01 -5.31
N GLY A 97 -17.17 -8.43 -6.18
CA GLY A 97 -16.80 -9.84 -6.32
C GLY A 97 -16.14 -10.43 -5.10
N ILE A 98 -15.22 -9.66 -4.46
CA ILE A 98 -14.50 -10.06 -3.23
C ILE A 98 -15.50 -10.34 -2.07
N GLU A 99 -16.36 -9.34 -1.75
CA GLU A 99 -17.28 -9.43 -0.62
C GLU A 99 -18.58 -10.21 -0.92
N ASN A 100 -19.07 -10.22 -2.18
CA ASN A 100 -20.26 -10.99 -2.53
C ASN A 100 -19.82 -12.20 -3.32
N HIS A 101 -19.37 -13.18 -2.56
CA HIS A 101 -18.82 -14.46 -2.97
C HIS A 101 -19.69 -15.25 -3.98
N GLU A 102 -21.02 -15.23 -3.79
CA GLU A 102 -22.00 -15.95 -4.61
C GLU A 102 -22.36 -15.17 -5.89
N LEU A 103 -21.73 -14.02 -6.08
CA LEU A 103 -21.90 -13.17 -7.26
C LEU A 103 -20.73 -13.31 -8.26
N ARG A 104 -19.73 -14.18 -7.93
CA ARG A 104 -18.50 -14.34 -8.70
C ARG A 104 -18.71 -14.92 -10.10
N ASP A 105 -19.43 -16.07 -10.23
CA ASP A 105 -19.76 -16.69 -11.53
C ASP A 105 -20.50 -15.70 -12.43
N GLU A 106 -21.44 -14.95 -11.84
N GLU A 106 -21.46 -14.94 -11.84
CA GLU A 106 -22.25 -13.95 -12.50
CA GLU A 106 -22.26 -13.92 -12.51
C GLU A 106 -21.40 -12.77 -13.02
C GLU A 106 -21.37 -12.79 -13.05
N ILE A 107 -20.34 -12.39 -12.29
CA ILE A 107 -19.45 -11.30 -12.71
C ILE A 107 -18.67 -11.77 -13.96
N TYR A 108 -18.11 -13.01 -13.93
CA TYR A 108 -17.33 -13.63 -15.02
C TYR A 108 -18.17 -13.82 -16.29
N CYS A 109 -19.45 -14.26 -16.14
CA CYS A 109 -20.39 -14.43 -17.26
C CYS A 109 -20.77 -13.10 -17.86
N GLN A 110 -21.04 -12.04 -17.04
CA GLN A 110 -21.38 -10.71 -17.58
C GLN A 110 -20.23 -10.12 -18.38
N ALA A 111 -18.98 -10.31 -17.88
CA ALA A 111 -17.78 -9.75 -18.53
C ALA A 111 -17.59 -10.47 -19.86
N TYR A 112 -17.65 -11.81 -19.85
CA TYR A 112 -17.47 -12.63 -21.04
C TYR A 112 -18.53 -12.35 -22.11
N ARG A 113 -19.82 -12.38 -21.73
CA ARG A 113 -20.95 -12.10 -22.63
C ARG A 113 -20.70 -10.79 -23.39
N GLN A 114 -20.19 -9.77 -22.69
CA GLN A 114 -19.97 -8.48 -23.33
C GLN A 114 -18.76 -8.46 -24.31
N THR A 115 -17.93 -9.52 -24.31
CA THR A 115 -16.80 -9.65 -25.25
C THR A 115 -17.20 -10.43 -26.51
N ASN A 116 -18.29 -11.22 -26.42
CA ASN A 116 -18.79 -12.08 -27.50
C ASN A 116 -19.74 -11.29 -28.42
N LYS A 117 -19.35 -11.12 -29.70
CA LYS A 117 -20.10 -10.41 -30.76
C LYS A 117 -20.34 -8.94 -30.41
N ASN A 118 -19.25 -8.26 -30.05
CA ASN A 118 -19.24 -6.85 -29.72
C ASN A 118 -18.90 -6.09 -31.02
N PRO A 119 -19.69 -5.08 -31.45
CA PRO A 119 -19.36 -4.38 -32.71
C PRO A 119 -18.10 -3.50 -32.64
N LYS A 120 -17.52 -3.36 -31.42
CA LYS A 120 -16.31 -2.55 -31.21
C LYS A 120 -15.22 -3.39 -30.58
N VAL A 121 -14.08 -3.51 -31.28
CA VAL A 121 -12.91 -4.25 -30.83
C VAL A 121 -12.28 -3.55 -29.61
N GLU A 122 -12.45 -2.20 -29.52
CA GLU A 122 -11.92 -1.35 -28.45
C GLU A 122 -12.81 -1.34 -27.19
N SER A 123 -13.80 -2.25 -27.16
CA SER A 123 -14.71 -2.48 -26.04
C SER A 123 -14.56 -3.95 -25.62
N ALA A 124 -14.49 -4.89 -26.59
CA ALA A 124 -14.29 -6.33 -26.32
C ALA A 124 -12.94 -6.62 -25.63
N LYS A 125 -11.88 -5.87 -25.98
CA LYS A 125 -10.53 -6.03 -25.42
C LYS A 125 -10.54 -5.67 -23.91
N LYS A 126 -11.28 -4.58 -23.56
CA LYS A 126 -11.50 -4.06 -22.21
C LYS A 126 -12.28 -5.10 -21.38
N GLY A 127 -13.16 -5.84 -22.05
CA GLY A 127 -13.93 -6.92 -21.46
C GLY A 127 -12.99 -8.02 -21.06
N PHE A 128 -12.00 -8.33 -21.93
CA PHE A 128 -10.98 -9.33 -21.56
C PHE A 128 -10.00 -8.82 -20.48
N GLU A 129 -9.72 -7.49 -20.46
CA GLU A 129 -8.85 -6.87 -19.44
C GLU A 129 -9.49 -7.05 -18.05
N LEU A 130 -10.83 -6.91 -18.00
CA LEU A 130 -11.63 -7.12 -16.79
C LEU A 130 -11.53 -8.58 -16.35
N ILE A 131 -11.58 -9.54 -17.30
CA ILE A 131 -11.46 -10.97 -16.97
C ILE A 131 -10.08 -11.24 -16.34
N TYR A 132 -9.04 -10.59 -16.89
CA TYR A 132 -7.69 -10.71 -16.33
C TYR A 132 -7.65 -10.26 -14.86
N PHE A 133 -8.20 -9.06 -14.59
CA PHE A 133 -8.23 -8.45 -13.26
C PHE A 133 -9.13 -9.20 -12.29
N LEU A 134 -10.14 -9.94 -12.81
CA LEU A 134 -10.95 -10.79 -11.94
C LEU A 134 -10.12 -12.02 -11.62
N SER A 135 -9.49 -12.63 -12.65
CA SER A 135 -8.70 -13.86 -12.50
C SER A 135 -7.49 -13.73 -11.55
N ILE A 136 -6.94 -12.51 -11.39
CA ILE A 136 -5.83 -12.30 -10.45
C ILE A 136 -6.33 -12.22 -8.99
N THR A 137 -7.64 -11.86 -8.80
CA THR A 137 -8.26 -11.68 -7.48
C THR A 137 -8.94 -12.95 -6.92
N PHE A 138 -9.99 -13.43 -7.58
CA PHE A 138 -10.75 -14.58 -7.10
C PHE A 138 -11.07 -15.54 -8.23
N SER A 139 -11.25 -16.79 -7.87
CA SER A 139 -11.55 -17.86 -8.79
C SER A 139 -13.06 -17.88 -9.09
N PRO A 140 -13.50 -18.32 -10.30
CA PRO A 140 -14.94 -18.59 -10.46
C PRO A 140 -15.19 -19.90 -9.69
N SER A 141 -16.47 -20.34 -9.53
CA SER A 141 -16.77 -21.59 -8.84
C SER A 141 -16.02 -22.77 -9.47
N ASP A 142 -15.83 -23.84 -8.70
CA ASP A 142 -15.17 -25.05 -9.18
C ASP A 142 -15.96 -25.65 -10.36
N SER A 143 -17.29 -25.43 -10.37
CA SER A 143 -18.20 -25.86 -11.41
C SER A 143 -17.97 -25.08 -12.70
N LEU A 144 -17.81 -23.74 -12.61
CA LEU A 144 -17.60 -22.86 -13.76
C LEU A 144 -16.17 -22.86 -14.30
N LEU A 145 -15.16 -23.05 -13.42
CA LEU A 145 -13.72 -23.01 -13.77
C LEU A 145 -13.33 -23.69 -15.09
N GLN A 146 -13.45 -25.03 -15.21
CA GLN A 146 -13.09 -25.75 -16.44
C GLN A 146 -13.93 -25.32 -17.66
N PRO A 147 -15.29 -25.36 -17.65
CA PRO A 147 -16.05 -24.89 -18.82
C PRO A 147 -15.70 -23.48 -19.31
N PHE A 148 -15.49 -22.52 -18.37
CA PHE A 148 -15.14 -21.12 -18.69
C PHE A 148 -13.76 -21.03 -19.35
N MET A 149 -12.79 -21.84 -18.87
CA MET A 149 -11.42 -21.88 -19.40
C MET A 149 -11.43 -22.42 -20.83
N GLU A 150 -12.17 -23.54 -21.04
CA GLU A 150 -12.34 -24.18 -22.36
C GLU A 150 -12.93 -23.21 -23.38
N GLN A 151 -13.84 -22.34 -22.93
CA GLN A 151 -14.45 -21.29 -23.76
C GLN A 151 -13.40 -20.26 -24.14
N LEU A 152 -12.58 -19.77 -23.17
CA LEU A 152 -11.50 -18.81 -23.43
C LEU A 152 -10.51 -19.41 -24.43
N MET A 153 -10.14 -20.70 -24.22
CA MET A 153 -9.26 -21.50 -25.08
C MET A 153 -9.83 -21.53 -26.52
N SER A 154 -11.18 -21.69 -26.67
CA SER A 154 -11.87 -21.70 -27.98
C SER A 154 -11.85 -20.32 -28.64
N ARG A 155 -12.03 -19.26 -27.84
CA ARG A 155 -11.97 -17.91 -28.37
C ARG A 155 -10.55 -17.56 -28.78
N ASN A 156 -9.55 -18.17 -28.10
CA ASN A 156 -8.13 -17.93 -28.39
C ASN A 156 -7.82 -18.59 -29.72
N ILE A 157 -8.24 -19.86 -29.89
CA ILE A 157 -8.04 -20.64 -31.12
C ILE A 157 -8.71 -19.94 -32.31
N ALA A 158 -9.93 -19.39 -32.11
CA ALA A 158 -10.66 -18.67 -33.15
C ALA A 158 -10.07 -17.30 -33.54
N ILE A 159 -9.30 -16.67 -32.65
CA ILE A 159 -8.77 -15.34 -32.98
C ILE A 159 -7.20 -15.27 -33.06
N GLN A 160 -6.50 -16.38 -32.78
CA GLN A 160 -5.03 -16.55 -32.83
C GLN A 160 -4.42 -15.93 -34.10
N SER A 161 -4.95 -16.31 -35.28
CA SER A 161 -4.44 -15.88 -36.58
C SER A 161 -4.76 -14.45 -36.94
N SER A 162 -5.98 -13.99 -36.66
CA SER A 162 -6.37 -12.63 -37.01
C SER A 162 -5.85 -11.57 -36.04
N SER A 163 -5.92 -11.85 -34.72
CA SER A 163 -5.53 -10.93 -33.65
C SER A 163 -4.57 -11.60 -32.62
N PRO A 164 -3.24 -11.70 -32.91
CA PRO A 164 -2.32 -12.36 -31.96
C PRO A 164 -2.09 -11.62 -30.64
N GLN A 165 -2.28 -10.27 -30.64
CA GLN A 165 -2.17 -9.43 -29.45
C GLN A 165 -3.33 -9.77 -28.52
N LEU A 166 -4.56 -9.67 -29.05
CA LEU A 166 -5.78 -9.99 -28.30
C LEU A 166 -5.74 -11.46 -27.85
N ALA A 167 -5.03 -12.33 -28.60
CA ALA A 167 -4.84 -13.75 -28.25
C ALA A 167 -3.90 -13.90 -27.06
N SER A 168 -2.91 -12.99 -26.91
CA SER A 168 -1.96 -13.04 -25.82
C SER A 168 -2.65 -12.61 -24.51
N LEU A 169 -3.63 -11.69 -24.63
CA LEU A 169 -4.45 -11.19 -23.54
C LEU A 169 -5.38 -12.30 -23.03
N ILE A 170 -5.95 -13.12 -23.93
CA ILE A 170 -6.83 -14.23 -23.55
C ILE A 170 -5.96 -15.34 -22.95
N ALA A 171 -4.76 -15.55 -23.53
CA ALA A 171 -3.84 -16.55 -23.00
C ALA A 171 -3.36 -16.21 -21.57
N VAL A 172 -3.24 -14.90 -21.22
CA VAL A 172 -2.84 -14.51 -19.84
C VAL A 172 -4.00 -14.79 -18.87
N CYS A 173 -5.27 -14.56 -19.31
CA CYS A 173 -6.47 -14.88 -18.53
C CYS A 173 -6.47 -16.35 -18.17
N ILE A 174 -6.19 -17.21 -19.18
CA ILE A 174 -6.13 -18.67 -19.04
C ILE A 174 -5.02 -19.06 -18.05
N GLU A 175 -3.85 -18.38 -18.13
CA GLU A 175 -2.71 -18.64 -17.22
C GLU A 175 -3.11 -18.32 -15.78
N LYS A 176 -3.75 -17.17 -15.56
CA LYS A 176 -4.19 -16.71 -14.25
C LYS A 176 -5.31 -17.57 -13.64
N LEU A 177 -6.16 -18.23 -14.47
CA LEU A 177 -7.22 -19.11 -13.95
C LEU A 177 -6.63 -20.47 -13.64
N GLU A 178 -5.57 -20.87 -14.38
CA GLU A 178 -4.83 -22.10 -14.16
C GLU A 178 -4.05 -22.02 -12.83
N SER A 179 -3.65 -20.80 -12.43
CA SER A 179 -2.88 -20.51 -11.21
C SER A 179 -3.63 -20.83 -9.90
N HIS A 180 -4.98 -20.78 -9.92
CA HIS A 180 -5.84 -21.06 -8.76
C HIS A 180 -5.73 -22.51 -8.27
N PRO A 181 -5.77 -22.78 -6.94
CA PRO A 181 -5.96 -21.82 -5.81
C PRO A 181 -4.72 -20.98 -5.44
N ILE A 182 -4.93 -19.65 -5.32
CA ILE A 182 -3.90 -18.69 -4.93
C ILE A 182 -3.70 -18.80 -3.40
N PRO A 183 -2.44 -18.88 -2.88
CA PRO A 183 -2.24 -18.93 -1.42
C PRO A 183 -2.75 -17.67 -0.72
N SER A 184 -3.22 -17.83 0.54
CA SER A 184 -3.77 -16.77 1.40
C SER A 184 -2.92 -15.49 1.47
N TYR A 185 -1.59 -15.64 1.58
CA TYR A 185 -0.65 -14.51 1.68
C TYR A 185 -0.49 -13.75 0.36
N GLN A 186 -1.00 -14.33 -0.76
CA GLN A 186 -0.94 -13.73 -2.09
C GLN A 186 -2.30 -13.24 -2.59
N GLN A 187 -3.38 -13.51 -1.86
CA GLN A 187 -4.72 -13.07 -2.27
C GLN A 187 -4.89 -11.57 -2.19
N ARG A 188 -5.01 -10.90 -3.36
CA ARG A 188 -5.17 -9.44 -3.51
C ARG A 188 -6.47 -8.97 -2.85
N LYS A 189 -6.45 -7.75 -2.25
CA LYS A 189 -7.60 -7.19 -1.51
C LYS A 189 -8.30 -6.08 -2.26
N MET A 190 -7.64 -5.52 -3.28
CA MET A 190 -8.19 -4.41 -4.05
C MET A 190 -8.15 -4.73 -5.53
N GLY A 191 -8.97 -3.99 -6.28
CA GLY A 191 -8.99 -4.00 -7.73
C GLY A 191 -7.82 -3.15 -8.20
N PRO A 192 -7.59 -2.99 -9.52
CA PRO A 192 -6.40 -2.24 -9.94
C PRO A 192 -6.52 -0.73 -9.96
N SER A 193 -5.38 -0.05 -9.66
CA SER A 193 -5.25 1.41 -9.72
C SER A 193 -5.04 1.76 -11.19
N ALA A 194 -5.14 3.05 -11.56
CA ALA A 194 -4.87 3.50 -12.93
C ALA A 194 -3.42 3.21 -13.31
N THR A 195 -2.51 3.17 -12.29
CA THR A 195 -1.09 2.81 -12.43
C THR A 195 -0.94 1.35 -12.84
N GLU A 196 -1.60 0.43 -12.09
CA GLU A 196 -1.57 -1.01 -12.37
C GLU A 196 -2.16 -1.29 -13.73
N ILE A 197 -3.18 -0.51 -14.13
CA ILE A 197 -3.87 -0.68 -15.41
C ILE A 197 -2.90 -0.38 -16.55
N GLN A 198 -2.26 0.80 -16.51
CA GLN A 198 -1.30 1.24 -17.51
C GLN A 198 -0.10 0.32 -17.61
N SER A 199 0.45 -0.09 -16.47
CA SER A 199 1.59 -1.00 -16.43
C SER A 199 1.26 -2.32 -17.12
N PHE A 200 0.07 -2.88 -16.84
CA PHE A 200 -0.41 -4.12 -17.46
C PHE A 200 -0.51 -3.98 -19.01
N ARG A 201 -1.08 -2.87 -19.47
CA ARG A 201 -1.28 -2.53 -20.86
C ARG A 201 0.03 -2.38 -21.62
N SER A 202 0.98 -1.56 -21.10
CA SER A 202 2.27 -1.37 -21.75
C SER A 202 3.16 -2.63 -21.68
N ASN A 203 2.97 -3.50 -20.68
CA ASN A 203 3.72 -4.76 -20.63
C ASN A 203 3.22 -5.75 -21.70
N LEU A 204 1.92 -5.73 -22.04
CA LEU A 204 1.38 -6.62 -23.09
C LEU A 204 1.69 -6.07 -24.47
N GLU A 205 1.67 -4.74 -24.60
CA GLU A 205 1.94 -4.02 -25.84
C GLU A 205 3.45 -4.01 -26.17
N ASN A 206 4.28 -3.47 -25.25
CA ASN A 206 5.72 -3.30 -25.45
C ASN A 206 6.61 -4.42 -24.88
N GLY A 207 6.14 -5.13 -23.86
CA GLY A 207 6.91 -6.17 -23.19
C GLY A 207 7.84 -5.67 -22.09
N ASP A 208 7.88 -4.33 -21.88
CA ASP A 208 8.73 -3.66 -20.88
C ASP A 208 8.37 -4.02 -19.44
N ILE A 209 9.38 -4.05 -18.55
CA ILE A 209 9.23 -4.39 -17.14
C ILE A 209 8.57 -3.27 -16.33
N SER A 210 7.51 -3.62 -15.59
CA SER A 210 6.79 -2.69 -14.72
C SER A 210 7.68 -2.32 -13.51
N THR A 211 7.74 -1.03 -13.18
CA THR A 211 8.53 -0.52 -12.05
C THR A 211 7.70 0.45 -11.22
N CYS A 212 8.08 0.62 -9.94
CA CYS A 212 7.49 1.59 -9.03
C CYS A 212 8.62 2.50 -8.56
N LYS A 213 8.36 3.82 -8.52
CA LYS A 213 9.29 4.85 -8.08
C LYS A 213 9.29 4.92 -6.55
N ILE A 214 10.47 4.75 -5.92
CA ILE A 214 10.63 4.80 -4.45
C ILE A 214 11.67 5.86 -4.07
N ARG A 215 11.26 6.80 -3.20
CA ARG A 215 12.14 7.88 -2.76
C ARG A 215 12.91 7.50 -1.50
N PHE A 216 14.06 8.14 -1.31
CA PHE A 216 14.90 7.97 -0.11
C PHE A 216 14.90 9.34 0.55
N ILE A 217 15.39 9.40 1.79
CA ILE A 217 15.44 10.62 2.60
C ILE A 217 16.26 11.77 1.94
N ASP A 218 17.25 11.44 1.08
CA ASP A 218 18.08 12.44 0.42
C ASP A 218 17.38 13.06 -0.80
N GLN A 219 16.13 12.60 -1.08
CA GLN A 219 15.25 13.01 -2.18
C GLN A 219 15.62 12.30 -3.50
N SER A 220 16.62 11.40 -3.45
CA SER A 220 17.00 10.59 -4.61
C SER A 220 15.96 9.49 -4.74
N THR A 221 15.88 8.85 -5.90
CA THR A 221 14.86 7.84 -6.19
C THR A 221 15.49 6.59 -6.77
N LYS A 222 14.75 5.47 -6.72
CA LYS A 222 15.10 4.17 -7.30
C LYS A 222 13.86 3.55 -7.93
N LEU A 223 14.04 2.86 -9.05
CA LEU A 223 12.95 2.20 -9.72
C LEU A 223 12.98 0.75 -9.33
N ALA A 224 11.91 0.27 -8.69
CA ALA A 224 11.83 -1.11 -8.24
C ALA A 224 10.94 -1.94 -9.15
N LYS A 225 11.36 -3.17 -9.46
CA LYS A 225 10.56 -4.10 -10.28
C LYS A 225 9.32 -4.50 -9.47
N ILE A 226 8.14 -4.43 -10.12
CA ILE A 226 6.84 -4.67 -9.49
C ILE A 226 6.01 -5.68 -10.29
N ASN A 227 5.48 -6.69 -9.61
CA ASN A 227 4.61 -7.70 -10.19
C ASN A 227 3.28 -7.60 -9.45
N THR A 228 2.22 -8.28 -9.98
CA THR A 228 0.86 -8.32 -9.43
C THR A 228 0.82 -8.55 -7.91
N TYR A 229 1.63 -9.50 -7.44
CA TYR A 229 1.64 -9.93 -6.06
C TYR A 229 2.82 -9.43 -5.23
N THR A 230 3.54 -8.42 -5.70
CA THR A 230 4.69 -7.93 -4.93
C THR A 230 4.26 -7.32 -3.59
N THR A 231 4.91 -7.77 -2.51
CA THR A 231 4.65 -7.19 -1.19
C THR A 231 5.55 -5.98 -0.94
N ILE A 232 5.19 -5.16 0.05
CA ILE A 232 5.98 -4.00 0.45
C ILE A 232 7.36 -4.47 0.98
N ARG A 233 7.42 -5.66 1.61
CA ARG A 233 8.67 -6.21 2.11
C ARG A 233 9.63 -6.49 0.98
N GLU A 234 9.14 -7.09 -0.12
CA GLU A 234 9.93 -7.39 -1.32
C GLU A 234 10.45 -6.14 -2.01
N ILE A 235 9.60 -5.09 -2.20
CA ILE A 235 10.10 -3.86 -2.81
C ILE A 235 11.10 -3.14 -1.91
N THR A 236 10.91 -3.18 -0.55
CA THR A 236 11.86 -2.55 0.37
C THR A 236 13.22 -3.25 0.17
N ASP A 237 13.21 -4.58 0.09
CA ASP A 237 14.43 -5.38 -0.10
C ASP A 237 15.17 -5.03 -1.40
N THR A 238 14.43 -4.90 -2.51
CA THR A 238 15.03 -4.59 -3.81
C THR A 238 15.58 -3.17 -3.87
N VAL A 239 14.79 -2.14 -3.48
CA VAL A 239 15.31 -0.76 -3.55
C VAL A 239 16.50 -0.56 -2.63
N CYS A 240 16.51 -1.22 -1.47
CA CYS A 240 17.60 -1.09 -0.50
C CYS A 240 18.88 -1.70 -1.04
N ARG A 241 18.77 -2.86 -1.76
CA ARG A 241 19.90 -3.52 -2.43
C ARG A 241 20.43 -2.61 -3.56
N GLN A 242 19.53 -1.99 -4.34
CA GLN A 242 19.90 -1.05 -5.42
C GLN A 242 20.66 0.17 -4.86
N TYR A 243 20.20 0.71 -3.72
CA TYR A 243 20.86 1.84 -3.07
C TYR A 243 22.25 1.50 -2.54
N GLY A 244 22.49 0.22 -2.24
CA GLY A 244 23.77 -0.23 -1.74
C GLY A 244 23.77 -0.57 -0.25
N ILE A 245 22.59 -0.68 0.40
CA ILE A 245 22.51 -1.03 1.83
C ILE A 245 22.93 -2.52 1.90
N SER A 246 23.79 -2.89 2.88
CA SER A 246 24.26 -4.25 3.01
C SER A 246 23.15 -5.17 3.41
N GLN A 247 23.31 -6.45 3.06
CA GLN A 247 22.35 -7.51 3.30
C GLN A 247 21.82 -7.51 4.73
N GLN A 248 22.71 -7.42 5.72
CA GLN A 248 22.32 -7.48 7.13
C GLN A 248 21.53 -6.25 7.63
N SER A 249 21.65 -5.11 6.94
CA SER A 249 20.97 -3.87 7.37
C SER A 249 19.58 -3.70 6.77
N ILE A 250 19.31 -4.40 5.67
CA ILE A 250 18.06 -4.26 4.91
C ILE A 250 16.81 -4.48 5.79
N LYS A 251 16.89 -5.40 6.75
CA LYS A 251 15.76 -5.66 7.66
C LYS A 251 15.41 -4.48 8.55
N MET A 252 16.30 -3.49 8.70
CA MET A 252 16.08 -2.35 9.59
C MET A 252 15.27 -1.31 8.90
N PHE A 253 15.09 -1.46 7.58
CA PHE A 253 14.40 -0.49 6.76
C PHE A 253 12.97 -0.88 6.45
N GLY A 254 12.16 0.13 6.20
CA GLY A 254 10.75 -0.03 5.87
C GLY A 254 10.33 1.07 4.93
N ILE A 255 9.03 1.14 4.64
CA ILE A 255 8.46 2.15 3.76
C ILE A 255 7.29 2.86 4.41
N SER A 256 7.19 4.17 4.17
CA SER A 256 6.10 5.03 4.59
C SER A 256 5.41 5.67 3.36
N ALA A 257 4.10 5.87 3.47
CA ALA A 257 3.28 6.55 2.43
C ALA A 257 3.28 8.01 2.88
N VAL A 258 3.87 8.89 2.08
CA VAL A 258 4.02 10.31 2.42
C VAL A 258 3.16 11.21 1.50
N ASN A 259 2.36 12.11 2.09
CA ASN A 259 1.56 13.13 1.38
C ASN A 259 1.95 14.49 1.97
N GLU A 260 2.64 15.32 1.19
CA GLU A 260 3.13 16.61 1.65
C GLU A 260 2.06 17.71 1.79
N THR A 261 1.06 17.75 0.89
CA THR A 261 0.02 18.78 0.93
C THR A 261 -0.89 18.58 2.15
N ALA A 262 -1.21 17.30 2.44
CA ALA A 262 -1.97 16.92 3.63
C ALA A 262 -0.96 16.15 4.44
N GLY A 263 -0.26 16.82 5.37
CA GLY A 263 0.81 16.32 6.22
C GLY A 263 0.66 14.92 6.80
N ILE A 264 0.83 13.92 5.95
CA ILE A 264 0.70 12.51 6.29
C ILE A 264 1.99 11.81 5.92
N SER A 265 2.44 10.96 6.85
CA SER A 265 3.54 10.03 6.74
C SER A 265 3.05 8.86 7.57
N LYS A 266 2.60 7.82 6.88
CA LYS A 266 2.03 6.66 7.52
C LYS A 266 2.85 5.42 7.19
N VAL A 267 3.15 4.57 8.19
CA VAL A 267 3.91 3.33 8.02
C VAL A 267 3.13 2.40 7.07
N VAL A 268 3.79 1.79 6.09
CA VAL A 268 3.08 0.88 5.20
C VAL A 268 3.45 -0.52 5.68
N SER A 269 2.49 -1.37 5.95
CA SER A 269 2.78 -2.72 6.42
C SER A 269 3.60 -3.46 5.42
N GLU A 270 4.66 -4.12 5.88
CA GLU A 270 5.50 -4.95 5.00
C GLU A 270 4.73 -6.12 4.34
N THR A 271 3.57 -6.52 4.91
CA THR A 271 2.76 -7.62 4.35
C THR A 271 1.74 -7.15 3.36
N ASP A 272 1.56 -5.84 3.19
CA ASP A 272 0.59 -5.37 2.22
C ASP A 272 1.12 -5.62 0.79
N MET A 273 0.20 -5.73 -0.18
N MET A 273 0.22 -5.85 -0.17
CA MET A 273 0.48 -5.85 -1.61
CA MET A 273 0.58 -6.01 -1.60
C MET A 273 0.65 -4.43 -2.06
C MET A 273 0.65 -4.55 -2.11
N ILE A 274 1.76 -4.12 -2.75
CA ILE A 274 2.00 -2.74 -3.22
C ILE A 274 0.85 -2.23 -4.11
N TYR A 275 0.29 -3.09 -4.97
CA TYR A 275 -0.82 -2.69 -5.83
C TYR A 275 -2.11 -2.42 -5.04
N ASP A 276 -2.33 -3.13 -3.90
CA ASP A 276 -3.50 -2.86 -3.04
C ASP A 276 -3.36 -1.46 -2.41
N VAL A 277 -2.11 -1.06 -2.06
CA VAL A 277 -1.81 0.25 -1.50
C VAL A 277 -2.08 1.33 -2.56
N LEU A 278 -1.63 1.11 -3.81
CA LEU A 278 -1.84 2.10 -4.87
C LEU A 278 -3.32 2.36 -5.15
N ALA A 279 -4.15 1.31 -5.05
CA ALA A 279 -5.60 1.40 -5.24
C ALA A 279 -6.20 2.22 -4.09
N ARG A 280 -5.79 1.91 -2.83
CA ARG A 280 -6.20 2.65 -1.62
C ARG A 280 -5.89 4.14 -1.70
N TRP A 281 -4.77 4.52 -2.34
CA TRP A 281 -4.40 5.92 -2.52
C TRP A 281 -5.36 6.63 -3.47
N GLU A 282 -5.86 5.90 -4.49
CA GLU A 282 -6.84 6.42 -5.45
C GLU A 282 -8.17 6.68 -4.76
N GLN A 283 -8.53 5.81 -3.80
CA GLN A 283 -9.77 5.84 -3.01
C GLN A 283 -9.74 6.92 -1.92
N SER A 284 -8.55 7.42 -1.56
CA SER A 284 -8.36 8.45 -0.52
C SER A 284 -8.95 9.79 -0.94
N GLU A 285 -9.67 10.42 0.00
CA GLU A 285 -10.29 11.73 -0.21
C GLU A 285 -9.32 12.85 0.19
N GLU A 286 -8.11 12.50 0.66
CA GLU A 286 -7.07 13.45 1.05
C GLU A 286 -6.58 14.24 -0.16
N LYS A 287 -6.31 15.53 0.05
CA LYS A 287 -5.81 16.44 -0.96
C LYS A 287 -4.33 16.11 -1.23
N GLY A 288 -3.90 16.27 -2.48
CA GLY A 288 -2.53 16.07 -2.90
C GLY A 288 -2.13 14.65 -3.27
N GLU A 289 -0.84 14.49 -3.61
CA GLU A 289 -0.26 13.22 -4.06
C GLU A 289 0.56 12.47 -2.99
N PHE A 290 0.37 11.14 -2.91
CA PHE A 290 1.15 10.27 -2.03
C PHE A 290 2.34 9.70 -2.79
N TYR A 291 3.42 9.45 -2.05
CA TYR A 291 4.60 8.77 -2.59
C TYR A 291 5.19 7.87 -1.51
N PHE A 292 5.91 6.83 -1.94
CA PHE A 292 6.59 5.89 -1.07
C PHE A 292 7.99 6.41 -0.75
N GLN A 293 8.37 6.35 0.54
CA GLN A 293 9.70 6.77 0.98
C GLN A 293 10.33 5.69 1.90
N VAL A 294 11.55 5.27 1.58
CA VAL A 294 12.30 4.32 2.39
C VAL A 294 12.77 5.08 3.62
N ARG A 295 12.61 4.46 4.79
CA ARG A 295 13.03 5.06 6.04
C ARG A 295 13.69 3.98 6.86
N ARG A 296 14.60 4.37 7.75
CA ARG A 296 15.16 3.37 8.66
C ARG A 296 14.11 3.25 9.74
N ARG A 297 13.58 2.04 9.85
CA ARG A 297 12.46 1.73 10.71
C ARG A 297 12.88 1.25 12.08
N PHE A 298 13.88 0.38 12.15
CA PHE A 298 14.28 -0.22 13.41
C PHE A 298 15.65 0.20 13.93
N PHE A 299 15.74 0.39 15.24
CA PHE A 299 16.96 0.84 15.92
C PHE A 299 17.16 -0.09 17.09
N LEU A 300 18.07 -1.06 16.93
CA LEU A 300 18.35 -2.11 17.92
C LEU A 300 19.53 -1.82 18.81
N ASP A 301 20.43 -0.94 18.37
CA ASP A 301 21.62 -0.59 19.14
C ASP A 301 21.37 0.53 20.13
N ASP A 302 22.12 0.58 21.22
CA ASP A 302 21.90 1.58 22.27
C ASP A 302 22.55 2.92 21.88
N VAL A 303 21.72 3.92 21.55
CA VAL A 303 22.18 5.26 21.18
C VAL A 303 23.04 5.92 22.30
N ASN A 304 22.84 5.55 23.55
CA ASN A 304 23.63 6.08 24.65
C ASN A 304 25.08 5.60 24.65
N LYS A 305 25.35 4.49 23.91
CA LYS A 305 26.71 3.92 23.79
C LYS A 305 27.31 4.11 22.38
N ILE A 306 26.65 4.90 21.52
CA ILE A 306 27.07 5.07 20.12
C ILE A 306 28.58 5.45 19.94
N LEU A 307 29.10 6.37 20.76
CA LEU A 307 30.49 6.80 20.66
C LEU A 307 31.48 5.71 21.04
N ASP A 308 31.05 4.75 21.86
CA ASP A 308 31.92 3.66 22.28
C ASP A 308 31.60 2.34 21.56
N GLN A 309 30.61 2.35 20.62
CA GLN A 309 30.25 1.17 19.83
C GLN A 309 29.99 1.62 18.38
N GLU A 310 30.90 2.43 17.85
CA GLU A 310 30.79 3.05 16.52
C GLU A 310 30.54 2.07 15.38
N HIS A 311 31.20 0.89 15.40
CA HIS A 311 31.06 -0.14 14.34
C HIS A 311 29.60 -0.59 14.15
N LEU A 312 28.79 -0.61 15.20
CA LEU A 312 27.40 -1.03 15.09
C LEU A 312 26.62 -0.07 14.19
N TRP A 313 27.12 1.16 14.09
CA TRP A 313 26.44 2.18 13.31
C TRP A 313 27.14 2.47 11.98
N THR A 314 28.48 2.43 11.96
CA THR A 314 29.24 2.82 10.79
C THR A 314 29.74 1.68 9.87
N ASP A 315 29.77 0.39 10.30
CA ASP A 315 30.23 -0.71 9.42
C ASP A 315 29.57 -0.69 8.05
N ASP A 316 28.24 -0.48 8.01
CA ASP A 316 27.53 -0.27 6.78
C ASP A 316 27.49 1.25 6.63
N ASP A 317 28.39 1.83 5.82
CA ASP A 317 28.47 3.27 5.62
C ASP A 317 27.31 3.87 4.83
N ILE A 318 26.65 3.08 3.98
CA ILE A 318 25.48 3.54 3.24
C ILE A 318 24.29 3.66 4.21
N CYS A 319 24.11 2.63 5.04
CA CYS A 319 23.07 2.64 6.05
C CYS A 319 23.33 3.77 7.05
N PHE A 320 24.61 3.99 7.45
CA PHE A 320 24.94 5.04 8.41
C PHE A 320 24.59 6.41 7.83
N GLU A 321 24.90 6.61 6.55
CA GLU A 321 24.63 7.86 5.86
C GLU A 321 23.11 8.15 5.78
N LEU A 322 22.32 7.13 5.46
CA LEU A 322 20.87 7.27 5.39
C LEU A 322 20.29 7.52 6.76
N THR A 323 20.89 6.90 7.79
CA THR A 323 20.47 7.10 9.18
C THR A 323 20.74 8.51 9.63
N TYR A 324 21.98 9.01 9.41
CA TYR A 324 22.35 10.35 9.81
C TYR A 324 21.39 11.36 9.13
N CYS A 325 21.23 11.23 7.80
N CYS A 325 21.23 11.25 7.80
CA CYS A 325 20.36 12.04 6.95
CA CYS A 325 20.34 12.12 7.04
C CYS A 325 18.91 12.05 7.49
C CYS A 325 18.90 12.09 7.55
N GLN A 326 18.40 10.89 7.96
CA GLN A 326 17.03 10.77 8.49
C GLN A 326 16.87 11.50 9.83
N ILE A 327 17.84 11.34 10.73
CA ILE A 327 17.77 11.98 12.06
C ILE A 327 17.94 13.50 11.89
N ARG A 328 18.84 13.93 10.99
CA ARG A 328 19.08 15.35 10.71
C ARG A 328 17.80 15.99 10.17
N ASP A 329 17.09 15.29 9.25
CA ASP A 329 15.83 15.77 8.66
C ASP A 329 14.74 15.93 9.71
N GLU A 330 14.64 14.95 10.65
CA GLU A 330 13.66 15.00 11.75
C GLU A 330 13.98 16.17 12.68
N TRP A 331 15.29 16.38 12.95
CA TRP A 331 15.75 17.51 13.75
C TRP A 331 15.33 18.81 13.01
N MET A 332 15.57 18.89 11.69
CA MET A 332 15.23 20.12 10.94
C MET A 332 13.72 20.39 10.79
N LYS A 333 12.88 19.34 10.94
CA LYS A 333 11.42 19.42 10.92
C LYS A 333 10.84 19.66 12.32
N GLY A 334 11.71 19.85 13.30
CA GLY A 334 11.29 20.16 14.67
C GLY A 334 10.72 18.99 15.45
N LEU A 335 11.03 17.74 15.04
CA LEU A 335 10.51 16.57 15.77
C LEU A 335 11.17 16.32 17.14
N TYR A 336 12.39 16.84 17.37
CA TYR A 336 13.09 16.67 18.63
C TYR A 336 13.12 17.97 19.45
N THR A 337 12.18 18.15 20.37
CA THR A 337 12.15 19.41 21.12
C THR A 337 12.36 19.24 22.65
N ASN A 338 12.78 18.03 23.13
CA ASN A 338 13.11 17.84 24.56
C ASN A 338 14.56 18.35 24.77
N VAL A 339 14.83 19.51 24.24
CA VAL A 339 16.19 20.04 24.25
C VAL A 339 16.19 21.51 24.69
N ASN A 340 17.14 21.88 25.57
CA ASN A 340 17.22 23.28 26.00
C ASN A 340 18.06 24.08 24.96
N GLU A 341 18.15 25.41 25.13
CA GLU A 341 18.89 26.29 24.20
C GLU A 341 20.40 25.98 24.12
N LYS A 342 21.04 25.63 25.24
CA LYS A 342 22.46 25.24 25.26
C LYS A 342 22.65 23.95 24.44
N ASP A 343 21.82 22.91 24.65
CA ASP A 343 21.88 21.66 23.89
C ASP A 343 21.66 21.91 22.42
N SER A 344 20.71 22.83 22.07
CA SER A 344 20.43 23.12 20.65
C SER A 344 21.59 23.80 19.99
N SER A 345 22.24 24.71 20.72
CA SER A 345 23.42 25.47 20.27
C SER A 345 24.59 24.50 20.04
N ILE A 346 24.71 23.46 20.88
CA ILE A 346 25.77 22.45 20.70
C ILE A 346 25.48 21.67 19.40
N ILE A 347 24.18 21.33 19.18
CA ILE A 347 23.75 20.61 17.98
C ILE A 347 24.04 21.44 16.76
N ALA A 348 23.63 22.72 16.81
CA ALA A 348 23.85 23.66 15.72
C ALA A 348 25.36 23.75 15.43
N ALA A 349 26.23 23.83 16.49
CA ALA A 349 27.70 23.88 16.30
C ALA A 349 28.26 22.68 15.55
N ILE A 350 27.80 21.44 15.91
CA ILE A 350 28.26 20.22 15.24
C ILE A 350 27.83 20.22 13.81
N LEU A 351 26.55 20.51 13.54
CA LEU A 351 26.00 20.51 12.19
C LEU A 351 26.66 21.55 11.30
N ILE A 352 27.09 22.68 11.89
CA ILE A 352 27.84 23.72 11.14
C ILE A 352 29.22 23.15 10.75
N GLN A 353 29.90 22.48 11.68
CA GLN A 353 31.21 21.88 11.39
C GLN A 353 31.09 20.82 10.28
N LEU A 354 29.91 20.14 10.19
CA LEU A 354 29.68 19.18 9.13
C LEU A 354 29.44 19.87 7.78
N LEU A 355 28.76 21.01 7.76
CA LEU A 355 28.53 21.75 6.51
C LEU A 355 29.80 22.48 6.05
N TYR A 356 30.60 22.98 7.00
CA TYR A 356 31.81 23.77 6.72
C TYR A 356 33.05 23.19 7.40
N PRO A 357 33.61 22.06 6.87
CA PRO A 357 34.76 21.42 7.54
C PRO A 357 35.98 22.30 7.92
N ASN A 358 36.17 23.46 7.25
CA ASN A 358 37.26 24.44 7.49
C ASN A 358 36.89 25.42 8.61
N GLN A 359 37.28 25.07 9.86
CA GLN A 359 36.96 25.81 11.09
C GLN A 359 37.42 27.27 11.10
N SER A 360 38.58 27.54 10.52
CA SER A 360 39.16 28.90 10.56
C SER A 360 38.40 29.86 9.65
N LYS A 361 37.93 29.36 8.49
CA LYS A 361 37.24 30.13 7.46
C LYS A 361 35.74 30.42 7.76
N LEU A 362 35.23 30.04 8.96
CA LEU A 362 33.82 30.23 9.28
C LEU A 362 33.36 31.66 9.54
N VAL A 363 32.41 32.11 8.73
CA VAL A 363 31.76 33.40 8.96
C VAL A 363 30.30 33.02 9.32
N LEU A 364 29.92 33.16 10.59
CA LEU A 364 28.59 32.78 11.07
C LEU A 364 27.55 33.85 10.73
N THR A 365 26.45 33.43 10.09
CA THR A 365 25.40 34.37 9.65
C THR A 365 24.05 33.80 10.00
N LYS A 366 22.97 34.60 9.79
CA LYS A 366 21.58 34.18 9.99
C LYS A 366 21.33 33.02 9.07
N GLU A 367 21.83 33.09 7.81
CA GLU A 367 21.64 32.07 6.79
C GLU A 367 22.25 30.73 7.20
N VAL A 368 23.42 30.76 7.87
CA VAL A 368 24.06 29.53 8.38
C VAL A 368 23.21 28.93 9.52
N VAL A 369 22.70 29.76 10.44
CA VAL A 369 21.87 29.32 11.57
C VAL A 369 20.60 28.59 11.07
N ARG A 370 19.95 29.14 10.02
CA ARG A 370 18.75 28.55 9.41
C ARG A 370 19.02 27.17 8.78
N GLN A 371 20.27 26.83 8.45
CA GLN A 371 20.59 25.53 7.85
C GLN A 371 20.69 24.42 8.93
N VAL A 372 20.75 24.80 10.20
CA VAL A 372 21.02 23.86 11.29
C VAL A 372 20.07 23.91 12.50
N LEU A 373 19.11 24.83 12.52
CA LEU A 373 18.16 24.84 13.63
C LEU A 373 16.76 24.84 13.04
N PRO A 374 15.82 24.01 13.54
CA PRO A 374 14.44 24.09 13.00
C PRO A 374 13.74 25.33 13.55
N ASP A 375 12.69 25.82 12.86
CA ASP A 375 11.93 27.01 13.31
C ASP A 375 11.36 26.86 14.71
N GLN A 376 10.89 25.65 15.06
CA GLN A 376 10.30 25.34 16.37
C GLN A 376 11.22 25.69 17.55
N ILE A 377 12.53 25.45 17.40
CA ILE A 377 13.56 25.78 18.40
C ILE A 377 13.96 27.27 18.24
N LEU A 378 14.21 27.70 17.01
CA LEU A 378 14.63 29.05 16.66
C LEU A 378 13.67 30.10 17.28
N ASN A 379 12.35 29.80 17.29
CA ASN A 379 11.30 30.65 17.84
C ASN A 379 11.52 31.15 19.25
N SER A 380 12.25 30.39 20.06
CA SER A 380 12.42 30.72 21.48
C SER A 380 13.36 31.93 21.75
N GLN A 381 14.23 32.30 20.80
N GLN A 381 14.19 32.33 20.78
CA GLN A 381 15.15 33.44 20.98
CA GLN A 381 15.11 33.46 20.95
C GLN A 381 15.35 34.18 19.67
C GLN A 381 15.32 34.18 19.66
N ASN A 382 15.75 35.46 19.74
CA ASN A 382 16.11 36.23 18.54
C ASN A 382 17.32 35.52 17.88
N ILE A 383 17.32 35.37 16.55
CA ILE A 383 18.39 34.71 15.79
C ILE A 383 19.80 35.31 16.12
N LYS A 384 19.87 36.62 16.47
CA LYS A 384 21.10 37.27 16.88
C LYS A 384 21.61 36.68 18.18
N VAL A 385 20.71 36.25 19.07
CA VAL A 385 21.09 35.60 20.34
C VAL A 385 21.57 34.15 20.02
N TRP A 386 20.92 33.48 19.07
CA TRP A 386 21.34 32.15 18.64
C TRP A 386 22.75 32.20 18.04
N ILE A 387 23.04 33.20 17.19
CA ILE A 387 24.37 33.38 16.60
C ILE A 387 25.43 33.42 17.71
N SER A 388 25.20 34.28 18.73
CA SER A 388 26.08 34.44 19.87
C SER A 388 26.25 33.12 20.67
N MET A 389 25.15 32.38 20.94
CA MET A 389 25.19 31.12 21.70
C MET A 389 25.93 30.02 20.89
N ILE A 390 25.68 29.96 19.59
CA ILE A 390 26.32 29.01 18.69
C ILE A 390 27.83 29.34 18.56
N GLU A 391 28.16 30.65 18.42
CA GLU A 391 29.55 31.08 18.38
C GLU A 391 30.31 30.59 19.64
N SER A 392 29.69 30.68 20.80
CA SER A 392 30.29 30.20 22.05
C SER A 392 30.56 28.67 22.06
N GLN A 393 29.64 27.86 21.53
CA GLN A 393 29.81 26.40 21.48
C GLN A 393 30.87 25.98 20.47
N ILE A 394 30.98 26.73 19.35
CA ILE A 394 31.98 26.50 18.32
C ILE A 394 33.42 26.62 18.92
N PHE A 395 33.63 27.56 19.89
CA PHE A 395 34.89 27.71 20.63
C PHE A 395 35.27 26.43 21.41
N GLU A 396 34.25 25.64 21.84
CA GLU A 396 34.47 24.41 22.62
C GLU A 396 34.60 23.17 21.74
N LEU A 397 34.50 23.35 20.41
CA LEU A 397 34.57 22.27 19.44
C LEU A 397 35.95 22.11 18.85
N VAL A 398 36.53 20.93 19.05
CA VAL A 398 37.87 20.62 18.50
C VAL A 398 37.73 19.98 17.12
N SER A 399 38.85 19.82 16.37
CA SER A 399 38.80 19.19 15.05
C SER A 399 38.41 17.73 15.18
N GLN A 400 37.42 17.28 14.38
CA GLN A 400 36.92 15.90 14.35
C GLN A 400 36.64 15.51 12.91
N THR A 401 36.66 14.21 12.60
CA THR A 401 36.35 13.72 11.26
C THR A 401 34.83 13.90 11.01
N PRO A 402 34.37 13.96 9.73
CA PRO A 402 32.92 14.04 9.46
C PRO A 402 32.13 12.86 10.05
N GLU A 403 32.65 11.62 9.95
CA GLU A 403 31.98 10.48 10.57
C GLU A 403 31.79 10.67 12.09
N TYR A 404 32.84 11.14 12.77
CA TYR A 404 32.75 11.31 14.22
C TYR A 404 31.77 12.40 14.63
N LEU A 405 31.64 13.46 13.80
CA LEU A 405 30.67 14.53 14.04
C LEU A 405 29.23 14.02 13.86
N LYS A 406 29.01 13.12 12.92
CA LYS A 406 27.70 12.53 12.68
C LYS A 406 27.28 11.65 13.88
N LEU A 407 28.25 10.92 14.46
CA LEU A 407 28.03 10.07 15.64
C LEU A 407 27.73 10.92 16.87
N MET A 408 28.42 12.08 17.00
CA MET A 408 28.27 13.03 18.11
C MET A 408 26.86 13.64 18.02
N PHE A 409 26.45 14.02 16.80
CA PHE A 409 25.12 14.59 16.56
C PHE A 409 24.04 13.56 16.97
N ILE A 410 24.17 12.30 16.49
CA ILE A 410 23.20 11.26 16.85
C ILE A 410 23.20 11.02 18.37
N ASN A 411 24.37 10.98 19.00
CA ASN A 411 24.47 10.78 20.44
C ASN A 411 23.71 11.87 21.21
N LEU A 412 23.88 13.12 20.80
CA LEU A 412 23.20 14.23 21.46
C LEU A 412 21.70 14.19 21.30
N ILE A 413 21.19 14.03 20.08
CA ILE A 413 19.76 13.87 19.81
C ILE A 413 19.20 12.68 20.60
N GLY A 414 19.86 11.54 20.45
CA GLY A 414 19.43 10.27 21.03
C GLY A 414 19.31 10.26 22.54
N SER A 415 20.30 10.82 23.24
CA SER A 415 20.34 10.88 24.70
C SER A 415 19.29 11.82 25.31
N LYS A 416 18.82 12.80 24.54
CA LYS A 416 17.91 13.79 25.06
C LYS A 416 16.46 13.59 24.64
N SER A 417 16.20 12.68 23.69
CA SER A 417 14.85 12.48 23.16
C SER A 417 14.26 11.10 23.44
N PRO A 418 13.23 11.01 24.31
CA PRO A 418 12.62 9.69 24.58
C PRO A 418 11.91 9.07 23.37
N LEU A 419 11.58 9.86 22.36
CA LEU A 419 10.95 9.34 21.16
C LEU A 419 11.98 8.80 20.14
N PHE A 420 13.30 8.99 20.40
CA PHE A 420 14.32 8.51 19.47
C PHE A 420 14.23 6.98 19.35
N GLY A 421 14.20 6.47 18.12
CA GLY A 421 14.17 5.02 17.89
C GLY A 421 12.80 4.39 18.02
N CYS A 422 11.74 5.21 18.23
CA CYS A 422 10.34 4.74 18.37
C CYS A 422 9.62 4.77 17.05
N THR A 423 8.76 3.76 16.79
CA THR A 423 7.82 3.81 15.66
C THR A 423 6.50 4.31 16.30
N LEU A 424 5.92 5.39 15.75
CA LEU A 424 4.71 6.01 16.31
C LEU A 424 3.45 5.72 15.52
N PHE A 425 2.36 5.46 16.23
CA PHE A 425 1.06 5.19 15.60
C PHE A 425 0.02 6.09 16.28
N ASN A 426 -0.84 6.76 15.52
CA ASN A 426 -1.91 7.57 16.13
C ASN A 426 -2.97 6.67 16.72
N ILE A 427 -3.27 6.83 18.02
CA ILE A 427 -4.30 6.03 18.69
C ILE A 427 -5.36 6.92 19.33
N GLN A 428 -6.57 6.37 19.51
CA GLN A 428 -7.70 7.04 20.16
C GLN A 428 -7.93 6.34 21.51
N GLN A 429 -8.07 7.15 22.56
CA GLN A 429 -8.25 6.73 23.94
C GLN A 429 -9.41 7.45 24.62
N LYS A 430 -10.02 6.81 25.63
CA LYS A 430 -11.07 7.45 26.43
C LYS A 430 -10.40 8.17 27.62
N GLU A 431 -9.12 7.82 27.89
CA GLU A 431 -8.23 8.38 28.91
C GLU A 431 -7.57 9.64 28.34
N ASN A 432 -6.87 10.43 29.20
CA ASN A 432 -6.17 11.64 28.79
C ASN A 432 -4.72 11.39 28.35
N PRO A 433 -4.31 11.87 27.14
CA PRO A 433 -5.11 12.61 26.15
C PRO A 433 -5.96 11.68 25.26
N PRO A 434 -7.13 12.12 24.76
CA PRO A 434 -7.96 11.25 23.90
C PRO A 434 -7.28 10.87 22.57
N LYS A 435 -6.51 11.78 21.96
CA LYS A 435 -5.76 11.53 20.73
C LYS A 435 -4.28 11.41 21.18
N ALA A 436 -3.75 10.16 21.25
CA ALA A 436 -2.39 9.90 21.73
C ALA A 436 -1.49 9.17 20.70
N TRP A 437 -0.21 8.92 21.06
CA TRP A 437 0.75 8.19 20.23
C TRP A 437 1.12 6.89 20.86
N LEU A 438 0.94 5.78 20.12
CA LEU A 438 1.40 4.47 20.57
C LEU A 438 2.83 4.43 20.09
N ALA A 439 3.79 4.28 21.01
CA ALA A 439 5.21 4.22 20.63
C ALA A 439 5.76 2.82 20.87
N ILE A 440 6.40 2.23 19.84
CA ILE A 440 7.01 0.90 19.99
C ILE A 440 8.45 1.04 19.66
N ASN A 441 9.34 0.56 20.55
CA ASN A 441 10.78 0.63 20.35
C ASN A 441 11.43 -0.65 20.85
N LYS A 442 12.77 -0.65 21.00
CA LYS A 442 13.51 -1.85 21.42
C LYS A 442 13.18 -2.30 22.88
N LYS A 443 12.70 -1.37 23.70
CA LYS A 443 12.37 -1.61 25.12
C LYS A 443 10.93 -2.09 25.36
N GLY A 444 9.99 -1.59 24.58
CA GLY A 444 8.61 -2.00 24.73
C GLY A 444 7.63 -1.08 24.08
N VAL A 445 6.45 -0.98 24.71
CA VAL A 445 5.30 -0.21 24.25
C VAL A 445 5.06 0.95 25.20
N SER A 446 4.86 2.15 24.63
CA SER A 446 4.55 3.34 25.41
C SER A 446 3.36 4.07 24.81
N ILE A 447 2.76 4.96 25.62
CA ILE A 447 1.75 5.90 25.18
C ILE A 447 2.36 7.27 25.50
N PHE A 448 2.41 8.14 24.50
CA PHE A 448 2.94 9.49 24.61
C PHE A 448 1.85 10.52 24.27
N ASP A 449 1.86 11.64 25.03
CA ASP A 449 0.99 12.79 24.77
C ASP A 449 1.62 13.52 23.59
N PRO A 450 0.94 13.68 22.43
CA PRO A 450 1.57 14.38 21.28
C PRO A 450 1.99 15.84 21.55
N HIS A 451 1.30 16.53 22.46
CA HIS A 451 1.55 17.95 22.72
C HIS A 451 2.82 18.15 23.56
N THR A 452 2.86 17.57 24.77
CA THR A 452 3.97 17.66 25.73
C THR A 452 5.15 16.75 25.35
N LYS A 453 4.88 15.66 24.59
CA LYS A 453 5.81 14.58 24.28
C LYS A 453 6.21 13.81 25.55
N GLU A 454 5.30 13.78 26.54
CA GLU A 454 5.44 13.14 27.84
C GLU A 454 4.86 11.72 27.79
N SER A 455 5.63 10.76 28.31
CA SER A 455 5.20 9.37 28.34
C SER A 455 4.21 9.17 29.49
N LYS A 456 3.02 8.65 29.16
CA LYS A 456 1.94 8.42 30.11
C LYS A 456 1.95 7.00 30.60
N ASN A 457 2.36 6.08 29.72
CA ASN A 457 2.40 4.67 30.06
C ASN A 457 3.60 3.97 29.43
N PHE A 458 4.11 2.93 30.10
CA PHE A 458 5.21 2.14 29.57
C PHE A 458 5.14 0.71 30.04
N TRP A 459 5.27 -0.22 29.08
CA TRP A 459 5.24 -1.64 29.34
C TRP A 459 6.41 -2.27 28.60
N THR A 460 7.31 -2.94 29.32
CA THR A 460 8.45 -3.63 28.71
C THR A 460 7.92 -4.84 27.96
N PHE A 461 8.70 -5.35 27.00
CA PHE A 461 8.30 -6.55 26.29
C PHE A 461 8.20 -7.77 27.21
N GLN A 462 9.07 -7.83 28.25
CA GLN A 462 9.12 -8.91 29.25
C GLN A 462 7.78 -9.02 29.99
N SER A 463 7.18 -7.86 30.27
CA SER A 463 5.91 -7.73 30.99
C SER A 463 4.65 -7.97 30.12
N ILE A 464 4.81 -8.27 28.82
CA ILE A 464 3.69 -8.53 27.91
C ILE A 464 3.79 -9.98 27.47
N SER A 465 2.79 -10.79 27.87
CA SER A 465 2.69 -12.23 27.57
C SER A 465 2.22 -12.48 26.15
N ASN A 466 1.30 -11.63 25.65
CA ASN A 466 0.78 -11.79 24.29
C ASN A 466 0.08 -10.53 23.80
N VAL A 467 -0.18 -10.47 22.50
CA VAL A 467 -0.90 -9.36 21.90
C VAL A 467 -2.06 -9.90 21.08
N ALA A 468 -3.05 -9.05 20.81
CA ALA A 468 -4.21 -9.41 20.00
C ALA A 468 -4.65 -8.21 19.21
N PHE A 469 -5.31 -8.48 18.08
CA PHE A 469 -5.79 -7.45 17.17
C PHE A 469 -7.23 -7.66 16.74
N THR A 470 -7.93 -6.55 16.49
CA THR A 470 -9.27 -6.53 15.90
C THR A 470 -9.15 -5.55 14.74
N ASP A 471 -10.21 -5.41 13.90
CA ASP A 471 -10.17 -4.44 12.80
C ASP A 471 -10.04 -2.97 13.27
N ASP A 472 -10.32 -2.68 14.55
CA ASP A 472 -10.20 -1.33 15.08
C ASP A 472 -9.41 -1.23 16.42
N THR A 473 -8.76 -2.33 16.87
CA THR A 473 -7.99 -2.25 18.13
C THR A 473 -6.69 -3.03 18.12
N PHE A 474 -5.78 -2.62 19.01
CA PHE A 474 -4.55 -3.32 19.34
C PHE A 474 -4.64 -3.60 20.85
N CYS A 475 -4.34 -4.83 21.26
N CYS A 475 -4.26 -4.81 21.24
CA CYS A 475 -4.42 -5.26 22.64
CA CYS A 475 -4.29 -5.28 22.62
C CYS A 475 -3.14 -5.94 23.14
C CYS A 475 -3.00 -5.84 23.08
N ILE A 476 -2.65 -5.57 24.34
CA ILE A 476 -1.46 -6.17 24.97
C ILE A 476 -1.89 -6.87 26.27
N MET A 477 -1.50 -8.14 26.46
CA MET A 477 -1.81 -8.87 27.69
C MET A 477 -0.59 -8.71 28.62
N THR A 478 -0.77 -7.94 29.72
CA THR A 478 0.27 -7.65 30.70
C THR A 478 0.11 -8.49 31.98
N LYS A 483 -0.15 -11.87 36.88
CA LYS A 483 -1.24 -10.93 37.14
C LYS A 483 -1.95 -10.57 35.80
N PRO A 484 -3.28 -10.84 35.64
CA PRO A 484 -3.91 -10.61 34.32
C PRO A 484 -4.61 -9.26 34.10
N ILE A 485 -3.95 -8.33 33.33
CA ILE A 485 -4.50 -7.01 32.94
C ILE A 485 -4.32 -6.84 31.42
N LYS A 486 -5.44 -6.56 30.75
CA LYS A 486 -5.60 -6.37 29.30
C LYS A 486 -5.57 -4.86 29.01
N GLN A 487 -4.69 -4.40 28.10
CA GLN A 487 -4.61 -2.98 27.72
C GLN A 487 -4.93 -2.87 26.24
N THR A 488 -5.95 -2.06 25.92
CA THR A 488 -6.49 -1.91 24.57
C THR A 488 -6.37 -0.47 24.02
N PHE A 489 -6.04 -0.35 22.73
CA PHE A 489 -5.84 0.94 22.06
C PHE A 489 -6.60 0.96 20.74
N THR A 490 -7.33 2.04 20.48
CA THR A 490 -8.14 2.18 19.26
C THR A 490 -7.28 2.64 18.13
N THR A 491 -7.22 1.80 17.06
CA THR A 491 -6.42 2.01 15.85
C THR A 491 -6.78 0.97 14.81
N ASP A 492 -6.76 1.35 13.53
CA ASP A 492 -7.00 0.42 12.43
C ASP A 492 -5.69 -0.11 11.83
N GLU A 493 -4.53 0.24 12.44
CA GLU A 493 -3.26 -0.17 11.87
C GLU A 493 -2.74 -1.52 12.43
N HIS A 494 -3.63 -2.49 12.62
CA HIS A 494 -3.21 -3.80 13.12
C HIS A 494 -2.04 -4.40 12.34
N SER A 495 -2.08 -4.28 11.02
CA SER A 495 -1.04 -4.92 10.21
C SER A 495 0.40 -4.33 10.43
N SER A 496 0.53 -3.03 10.38
CA SER A 496 1.82 -2.35 10.65
C SER A 496 2.21 -2.54 12.11
N ILE A 497 1.26 -2.44 13.04
CA ILE A 497 1.57 -2.61 14.47
C ILE A 497 2.09 -4.00 14.75
N ALA A 498 1.46 -5.05 14.16
CA ALA A 498 1.93 -6.44 14.38
C ALA A 498 3.37 -6.61 13.85
N SER A 499 3.68 -6.07 12.68
CA SER A 499 5.02 -6.20 12.11
C SER A 499 6.09 -5.49 13.01
N VAL A 500 5.83 -4.24 13.45
CA VAL A 500 6.76 -3.51 14.32
C VAL A 500 6.87 -4.19 15.68
N TYR A 501 5.73 -4.49 16.32
CA TYR A 501 5.77 -5.20 17.59
C TYR A 501 6.53 -6.58 17.46
N GLN A 502 6.18 -7.41 16.48
CA GLN A 502 6.87 -8.71 16.31
C GLN A 502 8.40 -8.53 16.19
N PHE A 503 8.84 -7.57 15.37
CA PHE A 503 10.29 -7.35 15.16
C PHE A 503 11.02 -7.05 16.43
N TYR A 504 10.55 -6.07 17.19
CA TYR A 504 11.22 -5.66 18.42
C TYR A 504 11.10 -6.65 19.57
N SER A 505 9.89 -7.22 19.79
CA SER A 505 9.68 -8.14 20.89
C SER A 505 10.44 -9.45 20.68
N SER A 506 10.66 -9.88 19.43
CA SER A 506 11.30 -11.16 19.14
C SER A 506 12.82 -11.17 19.39
N GLN A 507 13.42 -9.99 19.67
CA GLN A 507 14.85 -9.89 19.93
C GLN A 507 15.23 -10.39 21.33
C1 EDO B . 17.69 4.00 21.12
O1 EDO B . 18.82 3.61 21.87
C2 EDO B . 17.73 3.23 19.79
O2 EDO B . 19.04 3.42 19.20
C1 EDO C . 5.30 6.28 -5.24
O1 EDO C . 6.54 6.95 -4.99
C2 EDO C . 4.93 6.23 -6.75
O2 EDO C . 4.37 4.94 -7.02
C1 EDO D . -2.44 -8.10 12.42
O1 EDO D . -2.84 -7.98 11.06
C2 EDO D . -2.26 -9.60 12.77
O2 EDO D . -1.26 -10.18 11.95
C1 EDO E . 7.33 -1.73 9.44
O1 EDO E . 7.96 -1.10 8.32
C2 EDO E . 5.85 -2.15 9.08
O2 EDO E . 5.92 -3.34 8.31
C1 EDO F . 10.54 5.18 25.28
O1 EDO F . 10.84 6.56 25.47
C2 EDO F . 11.72 4.42 25.89
O2 EDO F . 11.53 3.04 25.75
HO1 EDO F . 10.49 6.83 26.36
C1 EDO G . 22.77 -3.16 10.95
O1 EDO G . 22.27 -3.87 12.06
C2 EDO G . 22.70 -1.64 11.21
O2 EDO G . 23.47 -0.95 10.23
C1 EDO H . 14.86 8.22 15.30
O1 EDO H . 13.50 8.04 15.65
C2 EDO H . 15.24 7.97 13.81
O2 EDO H . 14.24 8.27 12.86
H11 EDO H . 15.40 7.53 15.96
#